data_8EWR
#
_entry.id   8EWR
#
_cell.length_a   77.260
_cell.length_b   101.240
_cell.length_c   128.330
_cell.angle_alpha   90.00
_cell.angle_beta   90.00
_cell.angle_gamma   90.00
#
_symmetry.space_group_name_H-M   'I 2 2 2'
#
loop_
_entity.id
_entity.type
_entity.pdbx_description
1 polymer 'Cytochrome P450 3A4'
2 non-polymer 'PROTOPORPHYRIN IX CONTAINING FE'
3 non-polymer "{tert-butyl [1-{[([2,2'-bipyridin]-5-yl-kappa~2~N~1~,N~1'~)methyl]amino}-1-oxo-3-(pyridin-4-yl)propan-2-yl]carbamate}bis[2-(quinolin-2-yl-kappaN)phenyl-kappaC~1~]iridium(1+)"
4 water water
#
_entity_poly.entity_id   1
_entity_poly.type   'polypeptide(L)'
_entity_poly.pdbx_seq_one_letter_code
;MAYLYGTHSHGLFKKLGIPGPTPLPFLGNILSYHKGFCMFDMECHKKYGKVWGFYDGQQPVLAITDPDMIKTVLVKECYS
VFTNRRPFGPVGFMKSAISIAEDEEWKRLRSLLSPTFTSGKLKEMVPIIAQYGDVLVRNLRREAETGKPVTLKDVFGAYS
MDVITSTSFGVNIDSLNNPQDPFVENTKKLLRFDFLDPFFLSITVFPFLIPILEVLNICVFPREVTNFLRKSVKRMKESR
LEDTQKHRVDFLQLMIDSQNSKETESHKALSDLELVAQSIIFIFAGYETTSSVLSFIMYELATHPDVQQKLQEEIDAVLP
NKAPPTYDTVLQMEYLDMVVNETLRLFPIAMRLERVCKKDVEINGMFIPKGVVVMIPSYALHRDPKYWTEPEKFLPERFS
KKNKDNIDPYIYTPFGSGPRNCIGMRFALMNMKLALIRVLQNFSFKPCKETQIPLKLSLGGLLQPEKPVVLKVESRDGTV
SGAHHHH
;
_entity_poly.pdbx_strand_id   A
#
loop_
_chem_comp.id
_chem_comp.type
_chem_comp.name
_chem_comp.formula
HEM non-polymer 'PROTOPORPHYRIN IX CONTAINING FE' 'C34 H32 Fe N4 O4'
WZN non-polymer '{tert-butyl [1-{[([2,2'-bipyridin]-5-yl-kappa~2~N~1~,N~1'~)methyl]amino}-1-oxo-3-(pyridin-4-yl)propan-2-yl]carbamate}bis[2-(quinolin-2-yl-kappaN)phenyl-kappaC~1~]iridium(1+)' 'C54 H47 Ir N7 O3 1'
#
# COMPACT_ATOMS: atom_id res chain seq x y z
N SER A 9 0.48 30.95 -10.81
CA SER A 9 0.15 30.50 -9.46
C SER A 9 1.41 30.17 -8.66
N HIS A 10 2.56 30.31 -9.30
CA HIS A 10 3.84 29.93 -8.68
C HIS A 10 4.25 30.85 -7.55
N GLY A 11 3.54 31.96 -7.32
CA GLY A 11 3.82 32.87 -6.24
C GLY A 11 2.99 32.66 -4.99
N LEU A 12 2.30 31.53 -4.88
CA LEU A 12 1.39 31.30 -3.75
C LEU A 12 2.16 31.20 -2.44
N PHE A 13 3.13 30.29 -2.36
CA PHE A 13 3.84 30.07 -1.10
C PHE A 13 4.74 31.26 -0.75
N LYS A 14 5.22 31.99 -1.76
CA LYS A 14 6.01 33.18 -1.47
C LYS A 14 5.16 34.28 -0.84
N LYS A 15 3.88 34.36 -1.22
CA LYS A 15 2.99 35.35 -0.60
C LYS A 15 2.49 34.90 0.76
N LEU A 16 2.44 33.59 0.99
CA LEU A 16 2.04 33.06 2.29
C LEU A 16 3.18 33.04 3.31
N GLY A 17 4.42 33.26 2.88
CA GLY A 17 5.55 33.14 3.78
C GLY A 17 5.97 31.73 4.08
N ILE A 18 5.66 30.79 3.20
CA ILE A 18 6.02 29.37 3.37
C ILE A 18 7.30 29.11 2.58
N PRO A 19 8.32 28.51 3.17
CA PRO A 19 9.55 28.23 2.42
C PRO A 19 9.33 27.08 1.44
N GLY A 20 10.35 26.86 0.61
CA GLY A 20 10.31 25.80 -0.37
C GLY A 20 11.26 26.02 -1.53
N PRO A 21 11.47 24.97 -2.33
CA PRO A 21 12.35 25.12 -3.50
C PRO A 21 11.71 25.99 -4.57
N THR A 22 12.53 26.85 -5.17
CA THR A 22 12.05 27.77 -6.19
C THR A 22 11.55 27.00 -7.40
N PRO A 23 10.30 27.18 -7.82
CA PRO A 23 9.77 26.42 -8.95
C PRO A 23 10.13 27.05 -10.29
N LEU A 24 10.16 26.20 -11.32
CA LEU A 24 10.34 26.65 -12.69
C LEU A 24 8.99 26.91 -13.35
N PRO A 25 8.95 27.78 -14.36
CA PRO A 25 7.69 27.98 -15.09
C PRO A 25 7.20 26.68 -15.70
N PHE A 26 5.87 26.50 -15.67
CA PHE A 26 5.19 25.33 -16.24
C PHE A 26 5.51 24.04 -15.50
N LEU A 27 6.79 23.79 -15.21
CA LEU A 27 7.18 22.51 -14.63
C LEU A 27 6.98 22.45 -13.12
N GLY A 28 7.06 23.59 -12.43
CA GLY A 28 7.05 23.53 -10.99
C GLY A 28 8.37 22.98 -10.49
N ASN A 29 8.29 22.01 -9.57
CA ASN A 29 9.47 21.36 -9.03
C ASN A 29 9.62 19.91 -9.48
N ILE A 30 9.01 19.55 -10.61
CA ILE A 30 8.99 18.14 -11.01
C ILE A 30 10.38 17.64 -11.37
N LEU A 31 11.27 18.54 -11.81
CA LEU A 31 12.64 18.12 -12.10
C LEU A 31 13.34 17.60 -10.85
N SER A 32 12.95 18.08 -9.67
CA SER A 32 13.54 17.60 -8.42
C SER A 32 13.12 16.18 -8.08
N TYR A 33 12.19 15.60 -8.83
CA TYR A 33 11.80 14.21 -8.65
C TYR A 33 12.80 13.23 -9.27
N HIS A 34 13.92 13.72 -9.79
CA HIS A 34 14.88 12.83 -10.44
C HIS A 34 15.52 11.87 -9.44
N LYS A 35 15.57 12.25 -8.16
CA LYS A 35 16.03 11.37 -7.10
C LYS A 35 14.91 10.51 -6.51
N GLY A 36 13.71 10.58 -7.06
CA GLY A 36 12.56 9.89 -6.51
C GLY A 36 11.81 10.76 -5.51
N PHE A 37 10.54 10.40 -5.30
CA PHE A 37 9.70 11.13 -4.37
C PHE A 37 10.32 11.15 -2.98
N CYS A 38 10.84 10.00 -2.55
CA CYS A 38 11.32 9.84 -1.18
C CYS A 38 12.48 10.78 -0.88
N MET A 39 13.50 10.76 -1.72
CA MET A 39 14.67 11.61 -1.48
C MET A 39 14.32 13.09 -1.53
N PHE A 40 13.40 13.46 -2.41
CA PHE A 40 12.97 14.86 -2.48
C PHE A 40 12.27 15.29 -1.20
N ASP A 41 11.44 14.41 -0.62
CA ASP A 41 10.76 14.77 0.62
C ASP A 41 11.74 14.86 1.79
N MET A 42 12.74 13.97 1.83
CA MET A 42 13.73 14.04 2.89
C MET A 42 14.58 15.30 2.78
N GLU A 43 15.00 15.64 1.56
CA GLU A 43 15.83 16.82 1.35
C GLU A 43 15.08 18.09 1.75
N CYS A 44 13.85 18.24 1.29
CA CYS A 44 13.05 19.41 1.66
C CYS A 44 12.86 19.48 3.16
N HIS A 45 12.63 18.34 3.81
CA HIS A 45 12.45 18.32 5.25
C HIS A 45 13.70 18.80 5.98
N LYS A 46 14.88 18.51 5.42
CA LYS A 46 16.11 18.95 6.06
C LYS A 46 16.28 20.46 5.95
N LYS A 47 16.09 21.00 4.74
CA LYS A 47 16.45 22.40 4.50
C LYS A 47 15.37 23.38 4.93
N TYR A 48 14.10 22.97 4.89
CA TYR A 48 13.00 23.90 5.14
C TYR A 48 12.30 23.71 6.48
N GLY A 49 12.45 22.56 7.11
CA GLY A 49 11.98 22.36 8.47
C GLY A 49 10.63 21.65 8.52
N LYS A 50 9.70 22.19 9.30
CA LYS A 50 8.46 21.49 9.61
C LYS A 50 7.41 21.61 8.51
N VAL A 51 7.36 22.74 7.81
CA VAL A 51 6.38 22.98 6.77
C VAL A 51 7.08 23.58 5.55
N TRP A 52 6.77 23.06 4.36
CA TRP A 52 7.32 23.60 3.13
C TRP A 52 6.35 23.33 1.99
N GLY A 53 6.44 24.16 0.95
CA GLY A 53 5.57 24.04 -0.20
C GLY A 53 6.37 23.90 -1.48
N PHE A 54 5.77 23.21 -2.45
CA PHE A 54 6.35 23.05 -3.77
C PHE A 54 5.20 22.89 -4.77
N TYR A 55 5.55 22.79 -6.05
CA TYR A 55 4.54 22.80 -7.12
C TYR A 55 4.72 21.58 -8.00
N ASP A 56 3.68 20.74 -8.08
CA ASP A 56 3.59 19.70 -9.10
C ASP A 56 2.95 20.36 -10.32
N GLY A 57 3.80 20.81 -11.24
CA GLY A 57 3.32 21.65 -12.32
C GLY A 57 2.83 22.97 -11.78
N GLN A 58 1.56 23.29 -12.02
CA GLN A 58 0.95 24.47 -11.42
C GLN A 58 0.31 24.19 -10.07
N GLN A 59 0.19 22.92 -9.69
CA GLN A 59 -0.55 22.56 -8.48
C GLN A 59 0.32 22.79 -7.24
N PRO A 60 -0.06 23.70 -6.34
CA PRO A 60 0.71 23.89 -5.11
C PRO A 60 0.49 22.71 -4.16
N VAL A 61 1.57 22.29 -3.51
CA VAL A 61 1.54 21.19 -2.56
C VAL A 61 2.21 21.64 -1.27
N LEU A 62 1.51 21.52 -0.15
CA LEU A 62 2.02 21.93 1.16
C LEU A 62 2.29 20.69 2.00
N ALA A 63 3.56 20.44 2.30
CA ALA A 63 3.94 19.35 3.17
C ALA A 63 3.90 19.80 4.63
N ILE A 64 3.42 18.90 5.50
CA ILE A 64 3.32 19.17 6.93
C ILE A 64 3.93 17.99 7.69
N THR A 65 4.65 18.29 8.76
CA THR A 65 5.29 17.25 9.58
C THR A 65 4.94 17.32 11.05
N ASP A 66 4.23 18.35 11.49
CA ASP A 66 3.86 18.45 12.91
C ASP A 66 2.74 17.47 13.23
N PRO A 67 2.91 16.62 14.24
CA PRO A 67 1.86 15.62 14.54
C PRO A 67 0.50 16.21 14.86
N ASP A 68 0.46 17.28 15.66
CA ASP A 68 -0.82 17.93 15.97
C ASP A 68 -1.50 18.41 14.70
N MET A 69 -0.74 19.02 13.79
CA MET A 69 -1.31 19.49 12.54
C MET A 69 -1.72 18.32 11.65
N ILE A 70 -0.95 17.23 11.69
CA ILE A 70 -1.33 16.03 10.94
C ILE A 70 -2.62 15.45 11.49
N LYS A 71 -2.77 15.44 12.82
CA LYS A 71 -4.02 14.97 13.42
C LYS A 71 -5.21 15.82 12.97
N THR A 72 -5.01 17.13 12.88
CA THR A 72 -6.10 18.01 12.45
C THR A 72 -6.54 17.72 11.03
N VAL A 73 -5.58 17.47 10.13
CA VAL A 73 -5.91 17.25 8.72
C VAL A 73 -6.55 15.88 8.54
N LEU A 74 -5.98 14.85 9.15
CA LEU A 74 -6.43 13.49 8.92
C LEU A 74 -7.66 13.13 9.76
N VAL A 75 -7.76 13.66 10.98
CA VAL A 75 -8.84 13.25 11.88
C VAL A 75 -9.83 14.38 12.07
N LYS A 76 -9.38 15.48 12.68
CA LYS A 76 -10.29 16.51 13.18
C LYS A 76 -11.11 17.13 12.05
N GLU A 77 -10.45 17.56 10.98
CA GLU A 77 -11.11 18.28 9.90
C GLU A 77 -11.24 17.45 8.63
N CYS A 78 -11.35 16.13 8.77
CA CYS A 78 -11.50 15.27 7.60
C CYS A 78 -12.79 15.57 6.86
N TYR A 79 -13.92 15.52 7.56
CA TYR A 79 -15.22 15.77 6.92
C TYR A 79 -15.38 17.22 6.49
N SER A 80 -14.85 18.17 7.26
CA SER A 80 -15.09 19.59 7.02
C SER A 80 -14.19 20.18 5.94
N VAL A 81 -12.92 19.79 5.89
CA VAL A 81 -11.95 20.48 5.05
C VAL A 81 -11.16 19.53 4.17
N PHE A 82 -10.64 18.46 4.76
CA PHE A 82 -9.68 17.59 4.09
C PHE A 82 -10.30 16.20 3.85
N THR A 83 -11.28 16.16 2.95
CA THR A 83 -12.06 14.95 2.72
C THR A 83 -11.51 14.08 1.61
N ASN A 84 -10.94 14.68 0.57
CA ASN A 84 -10.64 13.96 -0.67
C ASN A 84 -9.15 13.97 -0.97
N ARG A 85 -8.73 13.03 -1.80
CA ARG A 85 -7.38 13.00 -2.31
C ARG A 85 -7.30 13.82 -3.61
N ARG A 86 -6.10 13.90 -4.16
CA ARG A 86 -5.90 14.68 -5.37
C ARG A 86 -6.70 14.08 -6.53
N PRO A 87 -7.60 14.84 -7.16
CA PRO A 87 -8.34 14.30 -8.30
C PRO A 87 -7.44 14.15 -9.50
N PHE A 88 -7.01 12.92 -9.77
CA PHE A 88 -6.10 12.67 -10.88
C PHE A 88 -6.99 12.61 -12.11
N GLY A 89 -7.85 13.61 -12.27
CA GLY A 89 -8.64 13.79 -13.45
C GLY A 89 -9.85 12.88 -13.46
N PRO A 90 -10.88 13.25 -14.23
CA PRO A 90 -12.01 12.33 -14.42
C PRO A 90 -11.69 11.34 -15.53
N VAL A 91 -11.29 10.10 -15.19
CA VAL A 91 -10.72 9.20 -16.19
C VAL A 91 -11.54 7.92 -16.29
N GLY A 92 -12.84 8.06 -16.04
CA GLY A 92 -13.78 7.03 -16.41
C GLY A 92 -14.72 6.64 -15.30
N PHE A 93 -15.20 5.40 -15.40
CA PHE A 93 -16.14 4.87 -14.42
C PHE A 93 -15.49 4.64 -13.07
N MET A 94 -14.18 4.71 -12.98
CA MET A 94 -13.44 4.52 -11.74
C MET A 94 -13.74 5.60 -10.70
N LYS A 95 -14.56 6.59 -11.04
CA LYS A 95 -14.97 7.59 -10.06
C LYS A 95 -15.79 6.98 -8.93
N SER A 96 -16.37 5.80 -9.13
CA SER A 96 -17.16 5.12 -8.12
C SER A 96 -16.31 4.20 -7.24
N ALA A 97 -14.99 4.25 -7.35
CA ALA A 97 -14.12 3.49 -6.47
C ALA A 97 -13.92 4.24 -5.17
N ILE A 98 -13.87 3.49 -4.06
CA ILE A 98 -13.90 4.11 -2.73
C ILE A 98 -12.67 4.99 -2.52
N SER A 99 -11.50 4.55 -3.00
CA SER A 99 -10.30 5.35 -2.84
C SER A 99 -10.31 6.61 -3.68
N ILE A 100 -11.21 6.70 -4.66
CA ILE A 100 -11.25 7.84 -5.57
C ILE A 100 -12.48 8.72 -5.35
N ALA A 101 -13.60 8.16 -4.88
CA ALA A 101 -14.82 8.92 -4.69
C ALA A 101 -14.59 10.09 -3.73
N GLU A 102 -15.49 11.06 -3.81
CA GLU A 102 -15.33 12.31 -3.09
C GLU A 102 -16.57 12.63 -2.27
N ASP A 103 -16.34 13.21 -1.10
CA ASP A 103 -17.38 13.87 -0.29
C ASP A 103 -18.50 12.89 0.03
N GLU A 104 -19.75 13.17 -0.35
CA GLU A 104 -20.85 12.32 0.07
CA GLU A 104 -20.87 12.34 0.06
C GLU A 104 -20.85 10.96 -0.62
N GLU A 105 -20.30 10.88 -1.83
CA GLU A 105 -20.26 9.58 -2.49
C GLU A 105 -19.24 8.66 -1.84
N TRP A 106 -18.13 9.22 -1.33
CA TRP A 106 -17.15 8.40 -0.63
C TRP A 106 -17.71 7.90 0.70
N LYS A 107 -18.36 8.78 1.48
CA LYS A 107 -18.95 8.35 2.74
C LYS A 107 -19.93 7.20 2.53
N ARG A 108 -20.74 7.27 1.48
CA ARG A 108 -21.68 6.20 1.17
C ARG A 108 -20.94 4.89 0.90
N LEU A 109 -19.88 4.95 0.10
CA LEU A 109 -19.11 3.74 -0.19
C LEU A 109 -18.38 3.24 1.06
N ARG A 110 -17.79 4.16 1.84
CA ARG A 110 -17.10 3.76 3.06
C ARG A 110 -18.07 3.09 4.03
N SER A 111 -19.29 3.62 4.14
CA SER A 111 -20.29 3.04 5.04
C SER A 111 -20.76 1.67 4.56
N LEU A 112 -20.80 1.46 3.24
CA LEU A 112 -21.27 0.19 2.70
C LEU A 112 -20.19 -0.88 2.66
N LEU A 113 -18.92 -0.49 2.77
CA LEU A 113 -17.82 -1.45 2.75
C LEU A 113 -17.18 -1.68 4.12
N SER A 114 -17.53 -0.88 5.12
CA SER A 114 -16.96 -1.08 6.45
C SER A 114 -17.31 -2.43 7.05
N PRO A 115 -18.57 -2.88 7.06
CA PRO A 115 -18.85 -4.22 7.64
C PRO A 115 -18.17 -5.34 6.90
N THR A 116 -17.77 -5.13 5.64
CA THR A 116 -17.08 -6.17 4.89
C THR A 116 -15.69 -6.44 5.47
N PHE A 117 -15.10 -5.47 6.16
CA PHE A 117 -13.73 -5.58 6.65
C PHE A 117 -13.65 -5.74 8.17
N THR A 118 -14.71 -6.22 8.81
CA THR A 118 -14.66 -6.46 10.24
C THR A 118 -13.75 -7.64 10.53
N SER A 119 -13.40 -7.80 11.82
CA SER A 119 -12.62 -8.96 12.22
C SER A 119 -13.44 -10.25 12.09
N GLY A 120 -14.76 -10.16 12.25
CA GLY A 120 -15.60 -11.33 12.06
C GLY A 120 -15.58 -11.83 10.63
N LYS A 121 -15.63 -10.91 9.66
CA LYS A 121 -15.48 -11.29 8.27
C LYS A 121 -14.04 -11.71 7.96
N LEU A 122 -13.06 -11.12 8.66
CA LEU A 122 -11.67 -11.50 8.44
C LEU A 122 -11.39 -12.90 8.93
N LYS A 123 -11.89 -13.25 10.12
CA LYS A 123 -11.71 -14.61 10.63
C LYS A 123 -12.34 -15.63 9.70
N GLU A 124 -13.46 -15.28 9.06
CA GLU A 124 -14.09 -16.21 8.13
C GLU A 124 -13.23 -16.48 6.90
N MET A 125 -12.41 -15.50 6.50
CA MET A 125 -11.54 -15.68 5.35
C MET A 125 -10.23 -16.37 5.69
N VAL A 126 -9.93 -16.57 6.98
CA VAL A 126 -8.67 -17.20 7.37
C VAL A 126 -8.51 -18.60 6.79
N PRO A 127 -9.51 -19.50 6.86
CA PRO A 127 -9.30 -20.83 6.26
C PRO A 127 -9.03 -20.79 4.77
N ILE A 128 -9.64 -19.84 4.05
CA ILE A 128 -9.40 -19.74 2.62
C ILE A 128 -7.98 -19.28 2.33
N ILE A 129 -7.57 -18.18 2.99
CA ILE A 129 -6.22 -17.65 2.80
C ILE A 129 -5.16 -18.68 3.23
N ALA A 130 -5.50 -19.52 4.21
CA ALA A 130 -4.55 -20.51 4.70
C ALA A 130 -4.24 -21.56 3.65
N GLN A 131 -5.21 -21.91 2.80
CA GLN A 131 -4.99 -22.95 1.82
C GLN A 131 -3.89 -22.57 0.85
N TYR A 132 -3.82 -21.29 0.47
CA TYR A 132 -2.84 -20.86 -0.53
C TYR A 132 -1.45 -20.65 0.06
N GLY A 133 -1.36 -20.43 1.37
CA GLY A 133 -0.05 -20.48 2.01
C GLY A 133 0.59 -21.85 1.86
N ASP A 134 -0.21 -22.91 1.93
CA ASP A 134 0.28 -24.25 1.64
C ASP A 134 0.57 -24.42 0.15
N VAL A 135 -0.26 -23.82 -0.71
CA VAL A 135 0.06 -23.79 -2.13
C VAL A 135 1.36 -23.03 -2.37
N LEU A 136 1.60 -21.99 -1.57
CA LEU A 136 2.85 -21.24 -1.69
C LEU A 136 4.04 -22.10 -1.27
N VAL A 137 3.90 -22.89 -0.20
CA VAL A 137 5.02 -23.66 0.31
C VAL A 137 5.46 -24.75 -0.66
N ARG A 138 4.60 -25.14 -1.59
CA ARG A 138 4.99 -26.15 -2.57
C ARG A 138 5.72 -25.53 -3.76
N ASN A 139 5.26 -24.36 -4.21
CA ASN A 139 5.84 -23.73 -5.39
C ASN A 139 7.29 -23.32 -5.16
N LEU A 140 7.54 -22.53 -4.13
CA LEU A 140 8.92 -22.11 -3.88
C LEU A 140 9.81 -23.28 -3.47
N ARG A 141 9.24 -24.38 -2.97
CA ARG A 141 10.05 -25.56 -2.69
C ARG A 141 10.60 -26.17 -3.98
N ARG A 142 9.80 -26.17 -5.04
CA ARG A 142 10.29 -26.63 -6.33
C ARG A 142 11.46 -25.77 -6.79
N GLU A 143 11.32 -24.45 -6.72
CA GLU A 143 12.41 -23.55 -7.04
C GLU A 143 13.45 -23.45 -5.92
N ALA A 144 13.25 -24.16 -4.80
CA ALA A 144 14.28 -24.23 -3.78
C ALA A 144 15.18 -25.44 -3.96
N GLU A 145 14.63 -26.56 -4.46
CA GLU A 145 15.45 -27.71 -4.79
C GLU A 145 16.28 -27.50 -6.05
N THR A 146 16.01 -26.43 -6.81
CA THR A 146 16.80 -26.13 -7.99
C THR A 146 18.21 -25.66 -7.66
N GLY A 147 18.49 -25.34 -6.39
CA GLY A 147 19.80 -24.90 -5.98
C GLY A 147 20.17 -23.50 -6.39
N LYS A 148 19.32 -22.81 -7.14
CA LYS A 148 19.49 -21.46 -7.65
C LYS A 148 18.70 -20.47 -6.81
N PRO A 149 19.21 -19.25 -6.65
CA PRO A 149 18.47 -18.23 -5.89
C PRO A 149 17.08 -18.01 -6.47
N VAL A 150 16.15 -17.66 -5.60
CA VAL A 150 14.73 -17.53 -5.93
C VAL A 150 14.36 -16.05 -5.97
N THR A 151 13.68 -15.64 -7.05
CA THR A 151 13.08 -14.32 -7.11
C THR A 151 11.76 -14.36 -6.35
N LEU A 152 11.71 -13.73 -5.18
CA LEU A 152 10.55 -13.85 -4.32
C LEU A 152 9.33 -13.19 -4.93
N LYS A 153 9.53 -12.09 -5.66
CA LYS A 153 8.41 -11.31 -6.18
C LYS A 153 7.55 -12.09 -7.17
N ASP A 154 8.00 -13.26 -7.62
CA ASP A 154 7.23 -14.10 -8.52
C ASP A 154 6.47 -15.21 -7.80
N VAL A 155 7.06 -15.82 -6.78
CA VAL A 155 6.31 -16.75 -5.94
C VAL A 155 5.37 -15.98 -5.01
N PHE A 156 5.83 -14.85 -4.48
CA PHE A 156 4.94 -13.99 -3.71
C PHE A 156 3.87 -13.38 -4.61
N GLY A 157 4.26 -12.92 -5.80
CA GLY A 157 3.28 -12.39 -6.73
C GLY A 157 2.23 -13.40 -7.12
N ALA A 158 2.65 -14.67 -7.30
CA ALA A 158 1.68 -15.73 -7.57
C ALA A 158 0.77 -15.96 -6.38
N TYR A 159 1.33 -15.97 -5.17
CA TYR A 159 0.51 -16.15 -3.98
C TYR A 159 -0.44 -14.98 -3.79
N SER A 160 0.06 -13.76 -3.95
CA SER A 160 -0.78 -12.57 -3.78
C SER A 160 -1.96 -12.59 -4.74
N MET A 161 -1.72 -12.96 -6.00
CA MET A 161 -2.79 -13.04 -6.98
C MET A 161 -3.76 -14.16 -6.65
N ASP A 162 -3.28 -15.24 -6.03
CA ASP A 162 -4.17 -16.34 -5.65
C ASP A 162 -5.16 -15.90 -4.58
N VAL A 163 -4.69 -15.18 -3.56
CA VAL A 163 -5.52 -14.88 -2.40
C VAL A 163 -6.62 -13.89 -2.76
N ILE A 164 -6.29 -12.86 -3.54
CA ILE A 164 -7.28 -11.81 -3.78
C ILE A 164 -8.36 -12.29 -4.74
N THR A 165 -8.02 -13.17 -5.68
CA THR A 165 -9.04 -13.71 -6.59
C THR A 165 -10.01 -14.64 -5.88
N SER A 166 -9.61 -15.24 -4.77
CA SER A 166 -10.49 -16.11 -3.99
C SER A 166 -11.20 -15.39 -2.86
N THR A 167 -10.63 -14.29 -2.35
CA THR A 167 -11.27 -13.53 -1.29
C THR A 167 -12.22 -12.46 -1.80
N SER A 168 -12.15 -12.12 -3.09
CA SER A 168 -13.05 -11.13 -3.67
C SER A 168 -13.99 -11.71 -4.73
N PHE A 169 -13.81 -12.97 -5.13
CA PHE A 169 -14.70 -13.61 -6.09
C PHE A 169 -15.02 -15.07 -5.79
N GLY A 170 -14.14 -15.81 -5.12
CA GLY A 170 -14.34 -17.23 -4.93
C GLY A 170 -13.74 -18.10 -6.02
N VAL A 171 -12.74 -17.60 -6.73
CA VAL A 171 -12.12 -18.32 -7.84
C VAL A 171 -10.81 -18.91 -7.32
N ASN A 172 -10.83 -20.20 -7.03
CA ASN A 172 -9.69 -20.89 -6.41
C ASN A 172 -8.78 -21.43 -7.51
N ILE A 173 -7.61 -20.83 -7.68
CA ILE A 173 -6.70 -21.16 -8.77
C ILE A 173 -5.26 -21.09 -8.29
N ASP A 174 -4.43 -22.00 -8.77
CA ASP A 174 -2.99 -21.96 -8.57
C ASP A 174 -2.38 -21.24 -9.78
N SER A 175 -2.07 -19.95 -9.59
CA SER A 175 -1.69 -19.12 -10.74
C SER A 175 -0.36 -19.55 -11.33
N LEU A 176 0.66 -19.75 -10.48
CA LEU A 176 1.99 -20.07 -10.99
C LEU A 176 2.00 -21.38 -11.78
N ASN A 177 1.10 -22.31 -11.45
CA ASN A 177 1.01 -23.58 -12.15
C ASN A 177 -0.09 -23.60 -13.21
N ASN A 178 -1.00 -22.64 -13.19
CA ASN A 178 -1.97 -22.48 -14.26
C ASN A 178 -1.65 -21.20 -15.01
N PRO A 179 -0.72 -21.23 -15.97
CA PRO A 179 -0.25 -20.01 -16.63
C PRO A 179 -1.38 -19.14 -17.16
N GLN A 180 -2.21 -19.67 -18.05
CA GLN A 180 -3.38 -18.93 -18.52
C GLN A 180 -4.64 -19.75 -18.21
N ASP A 181 -5.17 -19.54 -17.03
CA ASP A 181 -6.59 -19.71 -16.87
C ASP A 181 -7.29 -18.45 -17.37
N PRO A 182 -8.47 -18.56 -18.00
CA PRO A 182 -9.14 -17.36 -18.54
C PRO A 182 -9.28 -16.22 -17.54
N PHE A 183 -9.21 -16.54 -16.25
CA PHE A 183 -9.27 -15.50 -15.22
C PHE A 183 -7.89 -14.97 -14.85
N VAL A 184 -6.87 -15.84 -14.83
CA VAL A 184 -5.52 -15.39 -14.47
C VAL A 184 -4.99 -14.41 -15.50
N GLU A 185 -5.19 -14.72 -16.80
CA GLU A 185 -4.71 -13.85 -17.86
C GLU A 185 -5.35 -12.48 -17.78
N ASN A 186 -6.68 -12.43 -17.67
CA ASN A 186 -7.38 -11.16 -17.66
C ASN A 186 -7.08 -10.35 -16.39
N THR A 187 -6.77 -11.03 -15.29
CA THR A 187 -6.31 -10.33 -14.09
C THR A 187 -4.88 -9.84 -14.26
N LYS A 188 -4.00 -10.69 -14.80
CA LYS A 188 -2.62 -10.29 -15.02
C LYS A 188 -2.49 -9.17 -16.04
N LYS A 189 -3.52 -8.94 -16.84
CA LYS A 189 -3.53 -7.81 -17.78
C LYS A 189 -3.68 -6.49 -17.03
N ASP A 194 3.23 -0.16 -16.33
CA ASP A 194 4.40 0.36 -15.63
C ASP A 194 4.11 1.73 -15.03
N PHE A 195 4.00 1.80 -13.71
CA PHE A 195 3.75 3.07 -13.04
C PHE A 195 4.97 3.98 -13.02
N LEU A 196 6.09 3.52 -13.57
CA LEU A 196 7.26 4.36 -13.80
C LEU A 196 7.30 4.90 -15.23
N ASP A 197 6.17 4.84 -15.94
CA ASP A 197 6.08 5.33 -17.31
C ASP A 197 6.01 6.87 -17.32
N PRO A 198 6.63 7.51 -18.30
CA PRO A 198 6.59 8.99 -18.36
C PRO A 198 5.19 9.57 -18.43
N PHE A 199 4.17 8.76 -18.76
CA PHE A 199 2.82 9.30 -18.87
C PHE A 199 2.37 9.98 -17.59
N PHE A 200 2.65 9.37 -16.43
CA PHE A 200 2.21 9.94 -15.16
C PHE A 200 2.89 11.26 -14.87
N LEU A 201 4.12 11.43 -15.36
CA LEU A 201 4.81 12.71 -15.19
C LEU A 201 4.22 13.79 -16.09
N SER A 202 3.76 13.40 -17.29
CA SER A 202 3.15 14.38 -18.19
C SER A 202 1.78 14.82 -17.70
N ILE A 203 1.05 13.94 -17.01
CA ILE A 203 -0.28 14.30 -16.52
C ILE A 203 -0.18 15.41 -15.47
N THR A 204 0.85 15.36 -14.63
CA THR A 204 1.03 16.41 -13.62
C THR A 204 1.40 17.73 -14.26
N VAL A 205 2.22 17.70 -15.32
CA VAL A 205 2.61 18.93 -15.99
C VAL A 205 1.51 19.42 -16.93
N PHE A 206 0.69 18.50 -17.46
CA PHE A 206 -0.43 18.84 -18.33
C PHE A 206 -1.73 18.32 -17.71
N PRO A 207 -2.16 18.87 -16.57
CA PRO A 207 -3.45 18.44 -16.02
C PRO A 207 -4.63 18.88 -16.86
N PHE A 208 -4.45 19.90 -17.71
CA PHE A 208 -5.51 20.34 -18.62
C PHE A 208 -5.73 19.39 -19.78
N LEU A 209 -4.83 18.43 -20.00
CA LEU A 209 -5.00 17.46 -21.08
C LEU A 209 -5.72 16.20 -20.63
N ILE A 210 -5.98 16.05 -19.32
CA ILE A 210 -6.79 14.93 -18.85
C ILE A 210 -8.19 14.94 -19.44
N PRO A 211 -8.90 16.09 -19.51
CA PRO A 211 -10.22 16.06 -20.16
C PRO A 211 -10.20 15.56 -21.60
N ILE A 212 -9.10 15.77 -22.33
CA ILE A 212 -9.02 15.28 -23.71
C ILE A 212 -8.99 13.75 -23.72
N LEU A 213 -8.25 13.14 -22.78
CA LEU A 213 -8.19 11.69 -22.71
C LEU A 213 -9.55 11.09 -22.36
N GLU A 214 -10.30 11.77 -21.48
CA GLU A 214 -11.56 11.22 -21.01
C GLU A 214 -12.60 11.13 -22.11
N VAL A 215 -12.53 12.01 -23.11
CA VAL A 215 -13.54 12.06 -24.16
C VAL A 215 -13.04 11.31 -25.38
N LEU A 216 -11.72 11.20 -25.52
CA LEU A 216 -11.13 10.52 -26.67
C LEU A 216 -11.23 9.00 -26.56
N ASN A 217 -11.98 8.49 -25.59
CA ASN A 217 -12.16 7.06 -25.34
C ASN A 217 -10.83 6.36 -25.06
N ILE A 218 -9.89 7.09 -24.48
CA ILE A 218 -8.67 6.50 -23.96
C ILE A 218 -8.96 6.01 -22.54
N CYS A 219 -9.89 5.08 -22.41
CA CYS A 219 -10.33 4.62 -21.10
C CYS A 219 -9.15 4.08 -20.30
N VAL A 220 -9.25 4.23 -18.98
CA VAL A 220 -8.32 3.53 -18.10
C VAL A 220 -8.51 2.04 -18.30
N PHE A 221 -7.41 1.32 -18.53
CA PHE A 221 -7.38 -0.11 -18.79
C PHE A 221 -8.07 -0.42 -20.11
N PRO A 222 -7.69 -1.50 -20.78
CA PRO A 222 -8.39 -1.89 -22.00
C PRO A 222 -9.84 -2.27 -21.71
N ARG A 223 -10.67 -2.16 -22.74
CA ARG A 223 -12.05 -2.64 -22.62
C ARG A 223 -12.17 -4.13 -22.90
N GLU A 224 -11.05 -4.84 -23.04
CA GLU A 224 -11.06 -6.30 -22.98
C GLU A 224 -11.17 -6.77 -21.54
N VAL A 225 -10.27 -6.30 -20.69
CA VAL A 225 -10.43 -6.40 -19.25
C VAL A 225 -11.55 -5.44 -18.88
N THR A 226 -11.99 -5.44 -17.62
CA THR A 226 -13.14 -4.66 -17.13
C THR A 226 -14.44 -5.17 -17.75
N ASN A 227 -14.52 -5.25 -19.08
CA ASN A 227 -15.66 -5.91 -19.71
C ASN A 227 -15.68 -7.39 -19.35
N PHE A 228 -14.51 -8.03 -19.32
CA PHE A 228 -14.41 -9.39 -18.81
C PHE A 228 -14.84 -9.46 -17.35
N LEU A 229 -14.67 -8.37 -16.60
CA LEU A 229 -15.01 -8.35 -15.19
C LEU A 229 -16.50 -8.21 -14.96
N ARG A 230 -17.13 -7.20 -15.57
CA ARG A 230 -18.57 -6.99 -15.38
C ARG A 230 -19.38 -8.19 -15.84
N LYS A 231 -18.92 -8.89 -16.89
CA LYS A 231 -19.59 -10.11 -17.30
C LYS A 231 -19.38 -11.22 -16.27
N SER A 232 -18.17 -11.31 -15.71
CA SER A 232 -17.91 -12.32 -14.70
C SER A 232 -18.69 -12.04 -13.43
N VAL A 233 -18.88 -10.76 -13.08
CA VAL A 233 -19.66 -10.43 -11.89
C VAL A 233 -21.12 -10.84 -12.07
N LYS A 234 -21.64 -10.74 -13.30
CA LYS A 234 -23.04 -11.09 -13.54
C LYS A 234 -23.30 -12.58 -13.34
N ARG A 235 -22.35 -13.43 -13.75
CA ARG A 235 -22.52 -14.87 -13.62
C ARG A 235 -22.22 -15.39 -12.23
N MET A 236 -21.71 -14.55 -11.32
CA MET A 236 -21.40 -14.95 -9.97
C MET A 236 -22.45 -14.50 -8.95
N LYS A 237 -23.56 -13.93 -9.41
CA LYS A 237 -24.63 -13.47 -8.54
C LYS A 237 -25.75 -14.50 -8.40
N GLU A 238 -25.58 -15.69 -8.95
CA GLU A 238 -26.60 -16.74 -8.85
C GLU A 238 -26.12 -17.87 -7.95
N VAL A 249 -17.97 -17.42 1.17
CA VAL A 249 -17.43 -16.25 1.85
C VAL A 249 -16.34 -15.59 1.02
N ASP A 250 -16.59 -14.34 0.61
CA ASP A 250 -15.65 -13.53 -0.13
C ASP A 250 -16.20 -12.11 -0.20
N PHE A 251 -15.37 -11.18 -0.69
CA PHE A 251 -15.78 -9.79 -0.77
C PHE A 251 -17.02 -9.61 -1.64
N LEU A 252 -17.15 -10.40 -2.70
CA LEU A 252 -18.27 -10.24 -3.63
C LEU A 252 -19.60 -10.63 -2.98
N GLN A 253 -19.65 -11.81 -2.36
CA GLN A 253 -20.87 -12.25 -1.71
C GLN A 253 -21.32 -11.26 -0.63
N LEU A 254 -20.37 -10.77 0.16
CA LEU A 254 -20.70 -9.77 1.17
C LEU A 254 -21.26 -8.50 0.55
N MET A 255 -20.81 -8.16 -0.67
CA MET A 255 -21.36 -7.01 -1.38
C MET A 255 -22.67 -7.37 -2.09
N ILE A 256 -22.81 -8.61 -2.55
CA ILE A 256 -24.07 -9.05 -3.15
C ILE A 256 -25.16 -9.11 -2.08
N ASP A 257 -24.86 -9.70 -0.93
CA ASP A 257 -25.84 -9.78 0.14
C ASP A 257 -26.18 -8.40 0.69
N SER A 258 -25.24 -7.44 0.58
CA SER A 258 -25.54 -6.07 1.01
C SER A 258 -26.59 -5.43 0.13
N GLN A 259 -26.58 -5.74 -1.17
CA GLN A 259 -27.66 -5.30 -2.05
C GLN A 259 -29.00 -5.85 -1.57
N ASN A 260 -29.01 -7.10 -1.13
CA ASN A 260 -30.22 -7.72 -0.60
C ASN A 260 -30.45 -7.28 0.85
N ALA A 269 -28.30 1.77 -1.34
CA ALA A 269 -27.57 0.52 -1.53
C ALA A 269 -26.51 0.65 -2.63
N LEU A 270 -25.76 -0.42 -2.86
CA LEU A 270 -24.74 -0.45 -3.88
C LEU A 270 -25.34 -0.82 -5.24
N SER A 271 -24.60 -0.50 -6.29
CA SER A 271 -24.98 -0.85 -7.65
C SER A 271 -24.00 -1.88 -8.21
N ASP A 272 -24.33 -2.38 -9.41
CA ASP A 272 -23.55 -3.47 -9.99
C ASP A 272 -22.23 -2.98 -10.58
N LEU A 273 -22.23 -1.81 -11.22
CA LEU A 273 -20.97 -1.29 -11.74
C LEU A 273 -20.10 -0.73 -10.62
N GLU A 274 -20.71 -0.33 -9.50
CA GLU A 274 -19.92 0.04 -8.32
C GLU A 274 -19.18 -1.17 -7.77
N LEU A 275 -19.81 -2.34 -7.81
CA LEU A 275 -19.15 -3.57 -7.35
C LEU A 275 -17.89 -3.84 -8.15
N VAL A 276 -17.96 -3.69 -9.48
CA VAL A 276 -16.78 -3.91 -10.31
C VAL A 276 -15.69 -2.91 -9.97
N ALA A 277 -16.07 -1.68 -9.63
CA ALA A 277 -15.09 -0.66 -9.29
C ALA A 277 -14.35 -1.01 -7.99
N GLN A 278 -15.08 -1.45 -6.97
CA GLN A 278 -14.44 -1.77 -5.70
C GLN A 278 -13.53 -2.99 -5.85
N SER A 279 -13.99 -4.02 -6.54
CA SER A 279 -13.17 -5.21 -6.74
C SER A 279 -11.88 -4.87 -7.47
N ILE A 280 -11.91 -3.89 -8.37
CA ILE A 280 -10.70 -3.47 -9.06
C ILE A 280 -9.72 -2.86 -8.07
N ILE A 281 -10.21 -2.03 -7.15
CA ILE A 281 -9.34 -1.42 -6.15
C ILE A 281 -8.71 -2.48 -5.25
N PHE A 282 -9.50 -3.48 -4.86
CA PHE A 282 -8.98 -4.52 -3.97
C PHE A 282 -7.85 -5.30 -4.63
N ILE A 283 -7.96 -5.53 -5.94
CA ILE A 283 -6.94 -6.30 -6.65
C ILE A 283 -5.63 -5.53 -6.70
N PHE A 284 -5.68 -4.26 -7.13
CA PHE A 284 -4.49 -3.43 -7.10
C PHE A 284 -3.95 -3.30 -5.68
N ALA A 285 -4.85 -3.20 -4.70
CA ALA A 285 -4.45 -3.09 -3.30
C ALA A 285 -3.68 -4.34 -2.86
N GLY A 286 -4.30 -5.51 -3.03
CA GLY A 286 -3.71 -6.74 -2.56
C GLY A 286 -2.62 -7.33 -3.44
N TYR A 287 -2.19 -6.62 -4.48
CA TYR A 287 -1.16 -7.17 -5.37
C TYR A 287 0.19 -6.54 -5.08
N GLU A 288 0.43 -5.34 -5.61
CA GLU A 288 1.75 -4.73 -5.50
C GLU A 288 2.03 -4.18 -4.10
N THR A 289 1.11 -4.34 -3.15
CA THR A 289 1.43 -4.10 -1.75
C THR A 289 1.76 -5.38 -1.01
N THR A 290 0.97 -6.44 -1.23
CA THR A 290 1.18 -7.69 -0.51
C THR A 290 2.54 -8.30 -0.83
N SER A 291 2.86 -8.45 -2.12
CA SER A 291 4.11 -9.09 -2.50
C SER A 291 5.32 -8.18 -2.27
N SER A 292 5.14 -6.86 -2.40
CA SER A 292 6.26 -5.95 -2.18
C SER A 292 6.69 -5.96 -0.72
N VAL A 293 5.73 -5.85 0.20
CA VAL A 293 6.08 -5.85 1.62
C VAL A 293 6.69 -7.19 2.01
N LEU A 294 6.13 -8.29 1.51
CA LEU A 294 6.72 -9.60 1.78
C LEU A 294 8.13 -9.71 1.25
N SER A 295 8.41 -9.07 0.11
CA SER A 295 9.78 -9.07 -0.41
C SER A 295 10.71 -8.26 0.49
N PHE A 296 10.25 -7.09 0.98
CA PHE A 296 11.06 -6.32 1.91
C PHE A 296 11.28 -7.09 3.21
N ILE A 297 10.25 -7.80 3.68
CA ILE A 297 10.36 -8.56 4.92
C ILE A 297 11.40 -9.65 4.78
N MET A 298 11.31 -10.44 3.72
CA MET A 298 12.27 -11.54 3.54
C MET A 298 13.68 -11.03 3.32
N TYR A 299 13.82 -9.83 2.74
CA TYR A 299 15.14 -9.22 2.63
C TYR A 299 15.70 -8.92 4.02
N GLU A 300 14.87 -8.36 4.90
CA GLU A 300 15.34 -8.02 6.23
C GLU A 300 15.63 -9.27 7.05
N LEU A 301 14.81 -10.30 6.90
CA LEU A 301 15.04 -11.54 7.64
C LEU A 301 16.29 -12.25 7.16
N ALA A 302 16.59 -12.18 5.85
CA ALA A 302 17.79 -12.84 5.34
C ALA A 302 19.05 -12.09 5.76
N THR A 303 19.01 -10.76 5.77
CA THR A 303 20.16 -9.98 6.17
C THR A 303 20.27 -9.80 7.69
N HIS A 304 19.35 -10.39 8.46
CA HIS A 304 19.43 -10.38 9.92
C HIS A 304 19.01 -11.75 10.42
N PRO A 305 19.92 -12.72 10.35
CA PRO A 305 19.55 -14.11 10.69
C PRO A 305 19.09 -14.30 12.12
N ASP A 306 19.57 -13.47 13.05
CA ASP A 306 19.13 -13.58 14.43
C ASP A 306 17.63 -13.28 14.56
N VAL A 307 17.15 -12.29 13.81
CA VAL A 307 15.72 -11.99 13.82
C VAL A 307 14.94 -13.14 13.19
N GLN A 308 15.47 -13.72 12.11
CA GLN A 308 14.78 -14.80 11.42
C GLN A 308 14.63 -16.02 12.34
N GLN A 309 15.71 -16.41 13.02
CA GLN A 309 15.63 -17.52 13.95
C GLN A 309 14.72 -17.20 15.12
N LYS A 310 14.80 -15.97 15.65
CA LYS A 310 13.94 -15.60 16.76
C LYS A 310 12.47 -15.68 16.38
N LEU A 311 12.14 -15.28 15.15
CA LEU A 311 10.78 -15.42 14.67
C LEU A 311 10.40 -16.88 14.47
N GLN A 312 11.31 -17.67 13.91
CA GLN A 312 11.03 -19.10 13.73
C GLN A 312 10.88 -19.81 15.05
N GLU A 313 11.61 -19.38 16.08
CA GLU A 313 11.44 -19.97 17.40
C GLU A 313 10.11 -19.55 18.03
N GLU A 314 9.63 -18.34 17.73
CA GLU A 314 8.30 -17.95 18.19
C GLU A 314 7.22 -18.69 17.42
N ILE A 315 7.40 -18.86 16.11
CA ILE A 315 6.40 -19.54 15.30
C ILE A 315 6.28 -21.01 15.70
N ASP A 316 7.41 -21.67 15.94
CA ASP A 316 7.37 -23.07 16.37
C ASP A 316 6.82 -23.20 17.79
N ALA A 317 6.98 -22.17 18.62
CA ALA A 317 6.48 -22.25 19.99
C ALA A 317 4.96 -22.13 20.05
N VAL A 318 4.38 -21.32 19.16
CA VAL A 318 2.92 -21.17 19.12
C VAL A 318 2.27 -22.28 18.30
N LEU A 319 2.92 -22.68 17.20
CA LEU A 319 2.42 -23.73 16.30
C LEU A 319 3.42 -24.87 16.31
N PRO A 320 3.32 -25.79 17.28
CA PRO A 320 4.30 -26.87 17.37
C PRO A 320 4.22 -27.83 16.19
N ASN A 321 5.39 -28.19 15.68
CA ASN A 321 5.53 -29.17 14.60
C ASN A 321 4.76 -28.73 13.35
N LYS A 322 5.06 -27.52 12.89
CA LYS A 322 4.49 -26.95 11.67
C LYS A 322 2.96 -27.01 11.72
N ALA A 323 2.40 -26.68 12.88
CA ALA A 323 0.95 -26.67 13.03
C ALA A 323 0.34 -25.60 12.15
N PRO A 324 -0.88 -25.80 11.67
CA PRO A 324 -1.51 -24.83 10.77
C PRO A 324 -1.83 -23.54 11.50
N PRO A 325 -1.53 -22.39 10.90
CA PRO A 325 -1.85 -21.11 11.55
C PRO A 325 -3.32 -20.78 11.42
N THR A 326 -3.89 -20.29 12.50
CA THR A 326 -5.28 -19.84 12.54
C THR A 326 -5.33 -18.36 12.89
N TYR A 327 -6.54 -17.80 12.83
CA TYR A 327 -6.73 -16.39 13.12
C TYR A 327 -6.19 -16.04 14.51
N ASP A 328 -6.55 -16.83 15.52
CA ASP A 328 -6.17 -16.49 16.89
C ASP A 328 -4.70 -16.77 17.17
N THR A 329 -4.13 -17.80 16.55
CA THR A 329 -2.71 -18.06 16.74
C THR A 329 -1.84 -16.99 16.09
N VAL A 330 -2.32 -16.37 15.01
CA VAL A 330 -1.57 -15.30 14.37
C VAL A 330 -1.54 -14.06 15.26
N LEU A 331 -2.67 -13.71 15.86
CA LEU A 331 -2.72 -12.58 16.79
C LEU A 331 -2.03 -12.88 18.11
N GLN A 332 -1.50 -14.09 18.28
CA GLN A 332 -0.78 -14.46 19.49
C GLN A 332 0.73 -14.27 19.36
N MET A 333 1.23 -13.97 18.15
CA MET A 333 2.67 -13.89 17.90
C MET A 333 3.10 -12.42 17.97
N GLU A 334 3.80 -12.06 19.04
CA GLU A 334 4.19 -10.67 19.24
C GLU A 334 5.40 -10.29 18.38
N TYR A 335 6.41 -11.15 18.32
CA TYR A 335 7.60 -10.82 17.53
C TYR A 335 7.29 -10.77 16.04
N LEU A 336 6.31 -11.57 15.59
CA LEU A 336 5.86 -11.46 14.21
C LEU A 336 5.27 -10.08 13.93
N ASP A 337 4.51 -9.54 14.88
CA ASP A 337 3.94 -8.21 14.70
C ASP A 337 5.02 -7.14 14.71
N MET A 338 6.03 -7.29 15.56
CA MET A 338 7.11 -6.31 15.60
C MET A 338 7.92 -6.31 14.31
N VAL A 339 8.18 -7.50 13.76
CA VAL A 339 8.93 -7.57 12.51
C VAL A 339 8.14 -6.95 11.36
N VAL A 340 6.83 -7.23 11.29
CA VAL A 340 6.00 -6.64 10.25
C VAL A 340 5.96 -5.12 10.39
N ASN A 341 5.83 -4.62 11.62
CA ASN A 341 5.71 -3.18 11.82
C ASN A 341 7.02 -2.46 11.51
N GLU A 342 8.15 -3.05 11.89
CA GLU A 342 9.43 -2.40 11.60
C GLU A 342 9.72 -2.39 10.10
N THR A 343 9.29 -3.42 9.37
CA THR A 343 9.46 -3.40 7.92
C THR A 343 8.62 -2.30 7.29
N LEU A 344 7.38 -2.13 7.78
CA LEU A 344 6.51 -1.09 7.25
C LEU A 344 7.01 0.31 7.59
N ARG A 345 7.77 0.45 8.67
CA ARG A 345 8.39 1.75 8.95
C ARG A 345 9.42 2.10 7.89
N LEU A 346 10.35 1.18 7.62
CA LEU A 346 11.39 1.44 6.62
C LEU A 346 10.80 1.55 5.22
N PHE A 347 9.72 0.82 4.93
CA PHE A 347 9.13 0.77 3.60
C PHE A 347 7.63 1.01 3.65
N PRO A 348 7.19 2.24 3.93
CA PRO A 348 5.76 2.56 3.83
C PRO A 348 5.31 2.68 2.38
N ILE A 349 4.72 1.62 1.83
CA ILE A 349 4.55 1.52 0.37
C ILE A 349 3.70 2.64 -0.21
N ALA A 350 2.92 3.33 0.61
CA ALA A 350 2.17 4.48 0.11
C ALA A 350 3.03 5.73 0.00
N MET A 351 4.12 5.82 0.76
CA MET A 351 5.12 6.88 0.67
C MET A 351 4.60 8.25 1.11
N ARG A 352 3.38 8.61 0.71
CA ARG A 352 2.79 9.90 1.05
C ARG A 352 1.30 9.73 1.32
N LEU A 353 0.79 10.56 2.22
CA LEU A 353 -0.65 10.76 2.37
C LEU A 353 -1.01 12.14 1.83
N GLU A 354 -2.19 12.25 1.21
CA GLU A 354 -2.59 13.51 0.61
C GLU A 354 -4.06 13.79 0.87
N ARG A 355 -4.37 15.07 1.06
CA ARG A 355 -5.73 15.56 1.18
C ARG A 355 -5.81 16.89 0.46
N VAL A 356 -6.95 17.15 -0.19
CA VAL A 356 -7.20 18.41 -0.87
C VAL A 356 -7.94 19.35 0.08
N CYS A 357 -7.47 20.58 0.18
CA CYS A 357 -8.08 21.59 1.04
C CYS A 357 -9.36 22.09 0.36
N LYS A 358 -10.52 21.76 0.94
CA LYS A 358 -11.80 22.10 0.34
C LYS A 358 -12.13 23.58 0.44
N LYS A 359 -11.58 24.30 1.43
CA LYS A 359 -12.00 25.67 1.69
C LYS A 359 -10.91 26.38 2.47
N ASP A 360 -10.91 27.71 2.36
CA ASP A 360 -10.00 28.55 3.13
C ASP A 360 -10.14 28.24 4.62
N VAL A 361 -9.07 27.73 5.22
CA VAL A 361 -9.06 27.35 6.63
C VAL A 361 -7.73 27.75 7.25
N GLU A 362 -7.69 27.64 8.57
CA GLU A 362 -6.49 27.90 9.36
C GLU A 362 -6.36 26.79 10.39
N ILE A 363 -5.26 26.04 10.32
CA ILE A 363 -5.05 24.88 11.18
C ILE A 363 -3.75 25.07 11.96
N ASN A 364 -3.85 25.02 13.28
CA ASN A 364 -2.69 25.00 14.18
C ASN A 364 -1.68 26.11 13.88
N GLY A 365 -2.19 27.26 13.44
CA GLY A 365 -1.39 28.46 13.34
C GLY A 365 -0.99 28.92 11.94
N MET A 366 -1.67 28.46 10.89
CA MET A 366 -1.34 28.92 9.54
C MET A 366 -2.55 28.82 8.63
N PHE A 367 -2.65 29.77 7.70
CA PHE A 367 -3.77 29.84 6.77
C PHE A 367 -3.52 28.93 5.58
N ILE A 368 -4.42 27.97 5.37
CA ILE A 368 -4.35 27.04 4.25
C ILE A 368 -5.39 27.48 3.21
N PRO A 369 -4.98 28.02 2.07
CA PRO A 369 -5.97 28.46 1.08
C PRO A 369 -6.62 27.29 0.37
N LYS A 370 -7.77 27.58 -0.23
CA LYS A 370 -8.54 26.57 -0.95
C LYS A 370 -7.75 26.03 -2.15
N GLY A 371 -7.94 24.75 -2.43
CA GLY A 371 -7.33 24.12 -3.59
C GLY A 371 -5.93 23.58 -3.38
N VAL A 372 -5.26 23.97 -2.30
CA VAL A 372 -3.92 23.46 -2.02
C VAL A 372 -3.99 22.00 -1.63
N VAL A 373 -3.05 21.20 -2.13
CA VAL A 373 -2.91 19.81 -1.73
C VAL A 373 -2.03 19.74 -0.50
N VAL A 374 -2.56 19.22 0.60
CA VAL A 374 -1.82 19.05 1.84
C VAL A 374 -1.30 17.62 1.87
N MET A 375 0.00 17.47 2.11
CA MET A 375 0.66 16.17 1.96
C MET A 375 1.45 15.86 3.23
N ILE A 376 1.33 14.63 3.70
CA ILE A 376 2.09 14.11 4.82
C ILE A 376 3.15 13.16 4.27
N PRO A 377 4.44 13.51 4.35
CA PRO A 377 5.50 12.65 3.78
C PRO A 377 5.87 11.49 4.69
N SER A 378 5.08 10.41 4.56
CA SER A 378 5.20 9.27 5.46
C SER A 378 6.61 8.67 5.43
N TYR A 379 7.15 8.47 4.23
CA TYR A 379 8.49 7.87 4.12
C TYR A 379 9.52 8.71 4.87
N ALA A 380 9.51 10.02 4.67
CA ALA A 380 10.49 10.89 5.32
C ALA A 380 10.27 10.93 6.82
N LEU A 381 9.02 10.85 7.28
CA LEU A 381 8.75 10.88 8.71
C LEU A 381 9.14 9.58 9.39
N HIS A 382 9.03 8.45 8.68
CA HIS A 382 9.41 7.16 9.24
C HIS A 382 10.92 7.04 9.44
N ARG A 383 11.71 7.81 8.70
CA ARG A 383 13.17 7.78 8.81
C ARG A 383 13.73 9.09 9.38
N ASP A 384 12.89 9.89 10.02
CA ASP A 384 13.34 11.14 10.61
C ASP A 384 14.02 10.87 11.95
N PRO A 385 15.29 11.22 12.11
CA PRO A 385 15.96 11.02 13.41
C PRO A 385 15.39 11.84 14.55
N LYS A 386 14.49 12.79 14.26
CA LYS A 386 13.78 13.50 15.32
C LYS A 386 12.93 12.55 16.17
N TYR A 387 12.53 11.41 15.62
CA TYR A 387 11.69 10.46 16.31
C TYR A 387 12.24 9.03 16.34
N TRP A 388 13.28 8.73 15.57
CA TRP A 388 13.78 7.37 15.44
C TRP A 388 15.29 7.36 15.62
N THR A 389 15.77 6.46 16.48
CA THR A 389 17.20 6.29 16.71
C THR A 389 17.79 5.44 15.60
N GLU A 390 18.80 5.97 14.90
CA GLU A 390 19.44 5.32 13.76
C GLU A 390 18.37 4.79 12.82
N PRO A 391 17.62 5.67 12.13
CA PRO A 391 16.46 5.21 11.37
C PRO A 391 16.79 4.31 10.19
N GLU A 392 18.04 4.26 9.75
CA GLU A 392 18.40 3.38 8.64
C GLU A 392 18.47 1.91 9.05
N LYS A 393 18.55 1.63 10.35
CA LYS A 393 18.73 0.27 10.84
C LYS A 393 17.38 -0.44 11.00
N PHE A 394 17.35 -1.71 10.62
CA PHE A 394 16.20 -2.57 10.84
C PHE A 394 16.27 -3.10 12.27
N LEU A 395 15.40 -2.59 13.15
CA LEU A 395 15.43 -2.94 14.57
C LEU A 395 14.01 -3.18 15.06
N PRO A 396 13.57 -4.44 15.08
CA PRO A 396 12.18 -4.73 15.48
C PRO A 396 11.85 -4.34 16.91
N GLU A 397 12.85 -4.14 17.77
CA GLU A 397 12.57 -3.86 19.17
C GLU A 397 11.98 -2.47 19.40
N ARG A 398 11.95 -1.61 18.38
CA ARG A 398 11.24 -0.34 18.51
C ARG A 398 9.77 -0.57 18.86
N PHE A 399 9.19 -1.68 18.39
CA PHE A 399 7.78 -1.98 18.59
C PHE A 399 7.55 -3.00 19.69
N SER A 400 8.56 -3.24 20.54
CA SER A 400 8.31 -4.02 21.74
C SER A 400 7.32 -3.28 22.63
N LYS A 401 6.63 -4.03 23.48
CA LYS A 401 5.63 -3.44 24.36
C LYS A 401 6.22 -2.41 25.32
N LYS A 402 7.54 -2.35 25.44
CA LYS A 402 8.19 -1.31 26.24
C LYS A 402 8.31 -0.01 25.46
N ASN A 403 8.59 -0.08 24.16
CA ASN A 403 8.86 1.10 23.36
C ASN A 403 7.75 1.48 22.39
N LYS A 404 6.71 0.66 22.24
CA LYS A 404 5.60 1.08 21.39
C LYS A 404 4.78 2.21 22.03
N ASP A 405 5.08 2.58 23.27
CA ASP A 405 4.44 3.73 23.90
C ASP A 405 5.03 5.04 23.38
N ASN A 406 6.34 5.06 23.12
CA ASN A 406 7.04 6.28 22.72
C ASN A 406 6.97 6.53 21.21
N ILE A 407 5.96 6.03 20.51
CA ILE A 407 5.84 6.17 19.07
C ILE A 407 4.56 6.95 18.78
N ASP A 408 4.71 8.13 18.21
CA ASP A 408 3.56 8.96 17.88
C ASP A 408 2.78 8.34 16.72
N PRO A 409 1.47 8.13 16.87
CA PRO A 409 0.70 7.50 15.79
C PRO A 409 0.49 8.40 14.58
N TYR A 410 0.88 9.68 14.64
CA TYR A 410 0.80 10.57 13.50
C TYR A 410 2.14 10.79 12.84
N ILE A 411 3.19 10.16 13.35
CA ILE A 411 4.48 10.10 12.68
C ILE A 411 4.66 8.76 11.95
N TYR A 412 4.30 7.66 12.62
CA TYR A 412 4.32 6.34 12.01
C TYR A 412 2.93 6.07 11.45
N THR A 413 2.75 6.30 10.15
CA THR A 413 1.45 6.19 9.49
C THR A 413 1.52 5.25 8.29
N PRO A 414 1.84 3.97 8.50
CA PRO A 414 1.94 3.07 7.34
C PRO A 414 0.60 2.81 6.67
N PHE A 415 -0.50 2.88 7.43
CA PHE A 415 -1.85 2.72 6.91
C PHE A 415 -2.65 4.02 6.99
N GLY A 416 -1.98 5.16 7.04
CA GLY A 416 -2.68 6.42 7.18
C GLY A 416 -3.33 6.53 8.56
N SER A 417 -4.27 7.46 8.65
CA SER A 417 -5.03 7.64 9.89
C SER A 417 -6.28 8.44 9.56
N GLY A 418 -7.17 8.54 10.55
CA GLY A 418 -8.41 9.25 10.38
C GLY A 418 -9.45 8.43 9.66
N PRO A 419 -10.60 9.04 9.37
CA PRO A 419 -11.70 8.28 8.76
C PRO A 419 -11.38 7.70 7.39
N ARG A 420 -10.38 8.22 6.68
CA ARG A 420 -10.06 7.73 5.35
C ARG A 420 -8.76 6.94 5.33
N ASN A 421 -8.47 6.22 6.42
CA ASN A 421 -7.28 5.39 6.51
C ASN A 421 -7.48 4.13 5.66
N CYS A 422 -6.53 3.21 5.73
CA CYS A 422 -6.61 1.98 4.94
C CYS A 422 -7.67 1.06 5.53
N ILE A 423 -8.78 0.88 4.80
CA ILE A 423 -9.87 0.04 5.28
C ILE A 423 -9.48 -1.42 5.31
N GLY A 424 -8.41 -1.81 4.63
CA GLY A 424 -8.00 -3.20 4.56
C GLY A 424 -6.74 -3.50 5.36
N MET A 425 -6.47 -2.66 6.37
CA MET A 425 -5.28 -2.84 7.18
C MET A 425 -5.27 -4.20 7.88
N ARG A 426 -6.35 -4.53 8.60
CA ARG A 426 -6.42 -5.81 9.29
C ARG A 426 -6.29 -6.97 8.30
N PHE A 427 -6.99 -6.89 7.18
CA PHE A 427 -6.90 -7.95 6.17
C PHE A 427 -5.48 -8.08 5.62
N ALA A 428 -4.82 -6.95 5.36
CA ALA A 428 -3.46 -7.00 4.81
C ALA A 428 -2.48 -7.57 5.83
N LEU A 429 -2.58 -7.14 7.08
CA LEU A 429 -1.70 -7.69 8.12
C LEU A 429 -1.90 -9.18 8.26
N MET A 430 -3.16 -9.64 8.28
CA MET A 430 -3.43 -11.06 8.47
C MET A 430 -2.96 -11.87 7.27
N ASN A 431 -3.15 -11.34 6.06
CA ASN A 431 -2.73 -12.07 4.86
C ASN A 431 -1.22 -12.25 4.82
N MET A 432 -0.47 -11.18 5.12
CA MET A 432 0.99 -11.27 5.08
C MET A 432 1.53 -12.19 6.16
N LYS A 433 0.97 -12.11 7.37
CA LYS A 433 1.48 -12.92 8.47
C LYS A 433 1.25 -14.41 8.22
N LEU A 434 0.06 -14.77 7.71
CA LEU A 434 -0.22 -16.18 7.43
C LEU A 434 0.76 -16.73 6.40
N ALA A 435 1.14 -15.92 5.42
CA ALA A 435 2.14 -16.36 4.45
C ALA A 435 3.51 -16.46 5.09
N LEU A 436 3.88 -15.49 5.94
CA LEU A 436 5.16 -15.54 6.62
C LEU A 436 5.30 -16.77 7.49
N ILE A 437 4.24 -17.12 8.22
CA ILE A 437 4.30 -18.23 9.16
C ILE A 437 4.53 -19.55 8.42
N ARG A 438 3.70 -19.83 7.41
CA ARG A 438 3.80 -21.09 6.69
C ARG A 438 5.15 -21.24 6.01
N VAL A 439 5.67 -20.15 5.44
CA VAL A 439 6.94 -20.21 4.72
C VAL A 439 8.10 -20.38 5.69
N LEU A 440 8.08 -19.65 6.82
CA LEU A 440 9.16 -19.76 7.78
C LEU A 440 9.11 -21.05 8.58
N GLN A 441 7.93 -21.69 8.66
CA GLN A 441 7.85 -23.01 9.26
C GLN A 441 8.57 -24.07 8.44
N ASN A 442 8.88 -23.78 7.18
CA ASN A 442 9.48 -24.74 6.28
C ASN A 442 10.85 -24.35 5.74
N PHE A 443 11.20 -23.05 5.76
CA PHE A 443 12.40 -22.60 5.06
C PHE A 443 13.15 -21.56 5.88
N SER A 444 14.46 -21.48 5.61
CA SER A 444 15.30 -20.39 6.05
C SER A 444 15.85 -19.67 4.82
N PHE A 445 16.16 -18.39 4.99
CA PHE A 445 16.52 -17.52 3.87
C PHE A 445 17.85 -16.84 4.14
N LYS A 446 18.73 -16.85 3.15
CA LYS A 446 20.08 -16.32 3.27
C LYS A 446 20.41 -15.51 2.02
N PRO A 447 21.34 -14.56 2.13
CA PRO A 447 21.73 -13.78 0.95
C PRO A 447 22.51 -14.62 -0.04
N CYS A 448 22.19 -14.45 -1.32
CA CYS A 448 22.88 -15.14 -2.40
C CYS A 448 23.88 -14.21 -3.06
N LYS A 449 24.64 -14.75 -4.01
CA LYS A 449 25.60 -13.96 -4.76
C LYS A 449 24.92 -12.77 -5.44
N GLU A 450 23.70 -12.97 -5.93
CA GLU A 450 22.99 -11.98 -6.71
C GLU A 450 22.16 -11.02 -5.86
N THR A 451 22.16 -11.18 -4.55
CA THR A 451 21.35 -10.32 -3.69
C THR A 451 21.90 -8.91 -3.68
N GLN A 452 21.04 -7.92 -3.94
CA GLN A 452 21.44 -6.52 -3.90
C GLN A 452 21.53 -6.09 -2.45
N ILE A 453 22.75 -5.99 -1.93
CA ILE A 453 23.00 -5.56 -0.56
C ILE A 453 23.96 -4.37 -0.60
N PRO A 454 23.59 -3.20 -0.08
CA PRO A 454 22.32 -2.87 0.56
C PRO A 454 21.21 -2.72 -0.48
N LEU A 455 19.95 -2.91 -0.08
CA LEU A 455 18.85 -2.78 -1.02
C LEU A 455 18.69 -1.33 -1.45
N LYS A 456 18.48 -1.13 -2.74
CA LYS A 456 18.16 0.17 -3.29
C LYS A 456 16.68 0.22 -3.65
N LEU A 457 16.05 1.37 -3.41
CA LEU A 457 14.65 1.55 -3.77
C LEU A 457 14.54 1.97 -5.24
N SER A 458 13.45 1.54 -5.87
CA SER A 458 13.24 1.84 -7.28
C SER A 458 13.16 3.34 -7.49
N LEU A 459 13.45 3.76 -8.72
CA LEU A 459 13.83 5.16 -8.94
C LEU A 459 12.60 6.06 -8.96
N GLY A 460 11.52 5.65 -9.63
CA GLY A 460 10.59 6.63 -10.10
C GLY A 460 9.13 6.54 -9.70
N GLY A 461 8.81 6.19 -8.47
CA GLY A 461 7.48 6.51 -8.01
C GLY A 461 6.75 5.40 -7.28
N LEU A 462 7.26 4.18 -7.36
CA LEU A 462 6.69 3.04 -6.63
C LEU A 462 7.72 2.56 -5.62
N LEU A 463 7.26 2.22 -4.43
CA LEU A 463 8.15 1.69 -3.39
C LEU A 463 8.34 0.20 -3.67
N GLN A 464 9.42 -0.11 -4.38
CA GLN A 464 9.80 -1.47 -4.72
C GLN A 464 11.31 -1.51 -4.82
N PRO A 465 11.93 -2.68 -4.65
CA PRO A 465 13.38 -2.77 -4.80
C PRO A 465 13.80 -2.39 -6.20
N GLU A 466 14.98 -1.76 -6.29
CA GLU A 466 15.57 -1.44 -7.59
C GLU A 466 15.78 -2.73 -8.36
N LYS A 467 16.67 -3.58 -7.88
CA LYS A 467 16.80 -4.95 -8.36
C LYS A 467 15.87 -5.87 -7.55
N PRO A 468 15.15 -6.78 -8.21
CA PRO A 468 14.27 -7.68 -7.46
C PRO A 468 15.04 -8.53 -6.47
N VAL A 469 14.42 -8.79 -5.31
CA VAL A 469 15.08 -9.49 -4.23
C VAL A 469 15.26 -10.96 -4.61
N VAL A 470 16.49 -11.45 -4.54
CA VAL A 470 16.82 -12.84 -4.78
C VAL A 470 17.52 -13.38 -3.54
N LEU A 471 17.09 -14.54 -3.06
CA LEU A 471 17.59 -15.11 -1.82
C LEU A 471 17.78 -16.61 -1.97
N LYS A 472 18.71 -17.15 -1.18
CA LYS A 472 18.90 -18.59 -1.12
C LYS A 472 17.90 -19.19 -0.13
N VAL A 473 17.20 -20.23 -0.57
CA VAL A 473 16.10 -20.84 0.18
C VAL A 473 16.46 -22.29 0.45
N GLU A 474 16.31 -22.70 1.71
CA GLU A 474 16.67 -24.04 2.15
C GLU A 474 15.56 -24.62 3.02
N SER A 475 15.39 -25.94 2.95
CA SER A 475 14.30 -26.62 3.64
C SER A 475 14.73 -27.03 5.03
N ARG A 476 13.84 -26.81 6.00
CA ARG A 476 14.11 -27.15 7.40
C ARG A 476 13.77 -28.62 7.70
CHA HEM B . -5.89 3.40 1.65
CHB HEM B . -1.69 1.41 3.05
CHC HEM B . -3.37 -2.96 1.74
CHD HEM B . -7.71 -1.02 0.78
C1A HEM B . -4.61 3.25 2.14
C2A HEM B . -3.75 4.31 2.62
C3A HEM B . -2.60 3.76 3.01
C4A HEM B . -2.68 2.34 2.78
CMA HEM B . -1.37 4.51 3.59
CAA HEM B . -4.11 5.81 2.66
CBA HEM B . -4.58 6.19 4.06
CGA HEM B . -4.76 7.68 4.13
O1A HEM B . -4.89 8.21 5.28
O2A HEM B . -4.77 8.34 3.07
C1B HEM B . -1.78 0.05 2.83
C2B HEM B . -0.77 -0.93 3.15
C3B HEM B . -1.23 -2.15 2.79
C4B HEM B . -2.55 -1.96 2.23
CMB HEM B . 0.58 -0.56 3.80
CAB HEM B . -0.57 -3.55 2.90
CBB HEM B . 0.65 -3.78 3.42
C1C HEM B . -4.70 -2.82 1.40
C2C HEM B . -5.61 -3.90 1.06
C3C HEM B . -6.82 -3.37 0.80
C4C HEM B . -6.70 -1.93 0.96
CMC HEM B . -5.18 -5.39 1.03
CAC HEM B . -8.14 -4.04 0.37
CBC HEM B . -8.30 -5.34 0.08
C1D HEM B . -7.58 0.35 0.89
C2D HEM B . -8.61 1.33 0.60
C3D HEM B . -8.12 2.55 0.84
C4D HEM B . -6.75 2.38 1.29
CMD HEM B . -10.03 1.00 0.09
CAD HEM B . -8.87 3.89 0.67
CBD HEM B . -9.85 4.05 1.82
CGD HEM B . -10.70 5.29 1.67
O1D HEM B . -11.70 5.42 2.43
O2D HEM B . -10.38 6.15 0.79
NA HEM B . -3.92 2.06 2.25
NB HEM B . -2.86 -0.62 2.28
NC HEM B . -5.40 -1.63 1.33
ND HEM B . -6.46 1.04 1.32
FE HEM B . -4.66 0.21 1.85
C01 WZN C . -6.62 5.67 -12.23
C02 WZN C . -7.99 7.57 -10.70
C03 WZN C . -6.12 6.13 -10.99
C04 WZN C . -7.85 6.16 -12.68
C05 WZN C . -8.52 7.11 -11.91
C06 WZN C . -6.76 7.10 -10.21
C08 WZN C . -6.02 7.48 -8.95
C09 WZN C . -4.70 8.14 -6.65
C11 WZN C . -6.56 8.41 -8.05
C12 WZN C . -5.87 8.72 -6.91
C13 WZN C . -4.17 7.20 -7.55
C15 WZN C . -5.76 4.49 -9.27
C16 WZN C . -7.31 2.42 -8.20
C17 WZN C . -6.34 4.65 -8.01
C18 WZN C . -5.82 3.24 -9.91
C19 WZN C . -6.63 2.22 -9.41
C20 WZN C . -7.17 3.63 -7.52
C21 WZN C . -5.05 3.11 -11.19
C22 WZN C . -3.64 2.88 -13.54
C24 WZN C . -5.14 1.92 -11.93
C25 WZN C . -4.42 1.80 -13.13
C26 WZN C . -3.59 4.04 -12.75
C27 WZN C . -2.33 9.54 -12.29
C28 WZN C . -4.25 8.15 -11.71
C29 WZN C . -2.17 7.50 -11.05
C30 WZN C . -1.54 8.61 -11.63
C31 WZN C . -3.70 9.29 -12.33
C32 WZN C . -1.47 6.48 -10.35
C33 WZN C . -0.57 4.30 -8.93
C35 WZN C . -0.08 6.36 -10.09
C36 WZN C . 0.38 5.24 -9.37
C37 WZN C . -1.90 4.55 -9.26
C38 WZN C . -2.93 6.61 -7.22
C39 WZN C . -2.24 6.95 -6.05
C40 WZN C . -2.77 7.89 -5.16
C41 WZN C . -4.00 8.48 -5.47
C42 WZN C . -2.78 5.10 -13.19
C43 WZN C . -2.08 5.02 -14.39
C44 WZN C . -2.13 3.84 -15.16
C45 WZN C . -2.91 2.79 -14.73
C46 WZN C . -0.20 3.03 -8.12
C48 WZN C . -1.90 2.17 -6.34
C49 WZN C . -2.52 1.94 -4.94
C50 WZN C . -2.56 0.52 -4.35
C53 WZN C . -3.04 0.53 -2.89
C54 WZN C . -4.53 3.45 -4.38
C56 WZN C . -4.28 4.82 -2.28
C57 WZN C . -4.39 0.37 -2.57
C58 WZN C . -4.79 0.38 -1.23
C60 WZN C . -2.58 0.72 -0.51
C61 WZN C . -2.12 0.71 -1.84
C63 WZN C . -5.75 5.27 -2.20
C64 WZN C . -4.05 3.60 -1.38
C65 WZN C . -3.39 5.97 -1.80
N10 WZN C . -4.83 6.86 -8.69
N14 WZN C . -3.50 7.24 -11.07
N23 WZN C . -4.29 4.14 -11.60
N34 WZN C . -2.35 5.61 -9.95
N47 WZN C . -0.68 2.89 -6.73
N52 WZN C . -3.96 2.26 -5.03
N59 WZN C . -3.88 0.56 -0.24
O51 WZN C . -2.53 1.65 -7.24
O55 WZN C . -3.91 4.50 -3.62
O62 WZN C . -5.73 3.57 -4.55
IR07 WZN C . -4.37 5.59 -10.19
#